data_5L9D
#
_entry.id   5L9D
#
_cell.length_a   67.782
_cell.length_b   69.249
_cell.length_c   87.803
_cell.angle_alpha   90.00
_cell.angle_beta   90.00
_cell.angle_gamma   90.00
#
_symmetry.space_group_name_H-M   'P 21 21 21'
#
loop_
_entity.id
_entity.type
_entity.pdbx_description
1 polymer 'MOUSE ANTIBODY FAB FRAGMENT, IGG1-KAPPA HEAVY CHAIN'
2 polymer 'MOUSE ANTIBODY FAB FRAGMENT, IGG1-KAPPA LIGHT CHAIN'
3 non-polymer 'TETRAETHYLENE GLYCOL'
4 non-polymer 3,6,9,12,15,18,21-HEPTAOXATRICOSANE-1,23-DIOL
5 non-polymer 'TRIETHYLENE GLYCOL'
6 non-polymer DI(HYDROXYETHYL)ETHER
7 non-polymer 'POTASSIUM ION'
8 non-polymer 2-acetamido-2-deoxy-beta-D-glucopyranose
9 water water
#
loop_
_entity_poly.entity_id
_entity_poly.type
_entity_poly.pdbx_seq_one_letter_code
_entity_poly.pdbx_strand_id
1 'polypeptide(L)'
;EVKLEESGPELVKPGASMKMSCKASGYTFTSYIIHWLKQKPGQGLEWIGYINPYNDGSKYNEKFKGKATLTSDKSSSTAY
MELSSLASEDSAVYYCTRNYGSDSLDYWGQGTTLTVSSAKTTPPSVYPLAPGSAAQTNSMVTLGCLVKGYFPEPVTVTWN
SGSLSSGVHTFPAVLQSDLYTLSSSVTVPSSTWPSETVTCNVAHPASSTKVDKKIVPRDC
;
H
2 'polypeptide(L)'
;DIVLTQTPAIMSASLGERVTMTCTANSSVSSNYFHWYQQKPGSSPKLWIYSTSNLASGVPTRFSGSGSGTSYSLTLSSME
AEDAATYYCHQYHRSPPTFGSGTKLKMKRADAAPTVSIFPPSSEQLTSGGASVVCFLNNFYPKDINVKWKIDGSERQNGV
LNSWTDQDSKDSTYSMSSTLTLTKDEYERHNSYTCEATHKTSTSPIVKSFNRNEC
;
L
#
# COMPACT_ATOMS: atom_id res chain seq x y z
N GLU A 1 -13.17 4.55 -23.65
CA GLU A 1 -12.71 3.95 -22.37
C GLU A 1 -13.37 4.70 -21.21
N VAL A 2 -14.00 3.96 -20.31
CA VAL A 2 -14.58 4.54 -19.11
C VAL A 2 -13.45 4.89 -18.13
N LYS A 3 -13.48 6.11 -17.59
CA LYS A 3 -12.52 6.52 -16.57
C LYS A 3 -13.23 7.30 -15.47
N LEU A 4 -12.89 6.98 -14.23
CA LEU A 4 -13.24 7.77 -13.07
C LEU A 4 -11.94 8.33 -12.47
N GLU A 5 -11.81 9.66 -12.48
CA GLU A 5 -10.60 10.33 -12.01
C GLU A 5 -10.88 11.14 -10.78
N GLU A 6 -10.26 10.76 -9.68
CA GLU A 6 -10.47 11.41 -8.40
C GLU A 6 -9.46 12.53 -8.14
N SER A 7 -9.87 13.47 -7.31
CA SER A 7 -9.00 14.56 -6.89
C SER A 7 -7.86 14.03 -6.03
N GLY A 8 -6.85 14.90 -5.84
CA GLY A 8 -5.62 14.50 -5.19
C GLY A 8 -5.74 14.35 -3.69
N PRO A 9 -4.65 13.86 -3.05
CA PRO A 9 -4.61 13.70 -1.58
C PRO A 9 -4.68 15.06 -0.90
N GLU A 10 -5.29 15.10 0.28
N GLU A 10 -5.26 15.09 0.30
CA GLU A 10 -5.35 16.34 1.03
CA GLU A 10 -5.47 16.34 1.02
C GLU A 10 -5.21 16.09 2.53
C GLU A 10 -5.33 16.14 2.54
N LEU A 11 -4.70 17.10 3.20
CA LEU A 11 -4.67 17.18 4.65
C LEU A 11 -5.73 18.20 5.05
N VAL A 12 -6.57 17.85 6.03
CA VAL A 12 -7.59 18.75 6.55
C VAL A 12 -7.49 18.76 8.07
N LYS A 13 -7.82 19.90 8.68
CA LYS A 13 -7.76 20.04 10.13
C LYS A 13 -9.00 19.47 10.82
N PRO A 14 -8.83 18.94 12.05
CA PRO A 14 -9.99 18.51 12.83
C PRO A 14 -11.02 19.64 12.96
N GLY A 15 -12.29 19.31 12.72
CA GLY A 15 -13.39 20.26 12.83
C GLY A 15 -13.77 20.92 11.50
N ALA A 16 -12.84 20.95 10.55
CA ALA A 16 -13.13 21.42 9.19
C ALA A 16 -13.80 20.33 8.34
N SER A 17 -14.04 20.67 7.08
CA SER A 17 -14.67 19.78 6.13
C SER A 17 -13.75 19.62 4.94
N MET A 18 -14.08 18.62 4.13
CA MET A 18 -13.34 18.28 2.90
CA MET A 18 -13.38 18.46 2.87
C MET A 18 -14.36 18.08 1.79
N LYS A 19 -14.02 18.46 0.56
CA LYS A 19 -14.81 18.10 -0.59
C LYS A 19 -13.86 17.54 -1.63
N MET A 20 -14.19 16.36 -2.13
CA MET A 20 -13.38 15.68 -3.12
C MET A 20 -14.27 15.39 -4.29
N SER A 21 -13.62 15.17 -5.42
CA SER A 21 -14.29 15.05 -6.69
C SER A 21 -13.94 13.77 -7.39
N CYS A 22 -14.83 13.38 -8.29
CA CYS A 22 -14.73 12.17 -9.09
C CYS A 22 -15.26 12.50 -10.51
N LYS A 23 -14.33 12.74 -11.42
CA LYS A 23 -14.62 13.17 -12.79
C LYS A 23 -14.81 11.92 -13.65
N ALA A 24 -16.02 11.79 -14.21
CA ALA A 24 -16.39 10.68 -15.09
C ALA A 24 -16.23 11.03 -16.57
N SER A 25 -15.60 10.13 -17.31
CA SER A 25 -15.51 10.25 -18.76
C SER A 25 -15.64 8.90 -19.47
N GLY A 26 -15.98 8.98 -20.76
CA GLY A 26 -16.10 7.82 -21.63
C GLY A 26 -17.40 7.06 -21.62
N TYR A 27 -18.43 7.60 -20.97
CA TYR A 27 -19.75 7.00 -20.97
C TYR A 27 -20.78 8.05 -20.59
N THR A 28 -22.07 7.69 -20.66
CA THR A 28 -23.14 8.63 -20.32
C THR A 28 -23.28 8.78 -18.80
N PHE A 29 -22.68 9.86 -18.29
CA PHE A 29 -22.61 10.16 -16.85
C PHE A 29 -23.94 10.01 -16.14
N THR A 30 -24.99 10.52 -16.77
CA THR A 30 -26.31 10.55 -16.14
C THR A 30 -27.02 9.19 -16.09
N SER A 31 -26.49 8.17 -16.75
CA SER A 31 -27.13 6.85 -16.83
C SER A 31 -26.74 5.86 -15.73
N TYR A 32 -25.74 6.19 -14.91
CA TYR A 32 -25.20 5.24 -13.92
C TYR A 32 -25.06 5.91 -12.55
N ILE A 33 -25.48 5.20 -11.51
CA ILE A 33 -25.21 5.62 -10.14
C ILE A 33 -23.70 5.52 -9.83
N ILE A 34 -23.18 6.50 -9.07
CA ILE A 34 -21.82 6.44 -8.51
C ILE A 34 -21.89 6.27 -6.99
N HIS A 35 -21.14 5.29 -6.49
CA HIS A 35 -21.01 5.01 -5.05
C HIS A 35 -19.72 5.57 -4.47
N TRP A 36 -19.77 5.93 -3.20
CA TRP A 36 -18.60 6.42 -2.51
C TRP A 36 -18.33 5.48 -1.34
N LEU A 37 -17.08 5.03 -1.23
CA LEU A 37 -16.68 4.13 -0.16
C LEU A 37 -15.42 4.59 0.57
N LYS A 38 -15.30 4.16 1.82
CA LYS A 38 -14.20 4.48 2.70
C LYS A 38 -13.38 3.22 2.94
N GLN A 39 -12.05 3.37 2.95
CA GLN A 39 -11.19 2.26 3.34
C GLN A 39 -10.03 2.74 4.22
N LYS A 40 -10.09 2.42 5.50
CA LYS A 40 -8.99 2.70 6.44
C LYS A 40 -7.83 1.72 6.16
N PRO A 41 -6.59 2.14 6.47
CA PRO A 41 -5.42 1.25 6.28
C PRO A 41 -5.59 -0.10 6.98
N GLY A 42 -5.45 -1.18 6.22
CA GLY A 42 -5.60 -2.53 6.77
C GLY A 42 -7.00 -2.95 7.11
N GLN A 43 -8.02 -2.31 6.53
CA GLN A 43 -9.42 -2.68 6.74
C GLN A 43 -10.13 -2.92 5.42
N GLY A 44 -11.33 -3.48 5.52
CA GLY A 44 -12.24 -3.58 4.39
C GLY A 44 -12.91 -2.26 4.01
N LEU A 45 -13.87 -2.36 3.10
CA LEU A 45 -14.54 -1.20 2.53
C LEU A 45 -15.81 -0.92 3.33
N GLU A 46 -16.10 0.37 3.51
CA GLU A 46 -17.33 0.84 4.16
C GLU A 46 -18.05 1.80 3.23
N TRP A 47 -19.32 1.52 2.95
CA TRP A 47 -20.08 2.34 2.00
C TRP A 47 -20.64 3.56 2.70
N ILE A 48 -20.48 4.71 2.06
CA ILE A 48 -20.93 6.00 2.57
C ILE A 48 -22.30 6.34 1.98
N GLY A 49 -22.41 6.27 0.67
CA GLY A 49 -23.65 6.56 -0.01
C GLY A 49 -23.48 6.51 -1.49
N TYR A 50 -24.55 6.80 -2.22
CA TYR A 50 -24.49 6.92 -3.67
C TYR A 50 -25.14 8.22 -4.17
N ILE A 51 -24.76 8.61 -5.39
CA ILE A 51 -25.37 9.75 -6.11
C ILE A 51 -25.96 9.21 -7.41
N ASN A 52 -27.20 9.57 -7.67
CA ASN A 52 -27.82 9.29 -8.96
C ASN A 52 -27.79 10.58 -9.75
N PRO A 53 -26.85 10.70 -10.70
CA PRO A 53 -26.73 11.98 -11.41
C PRO A 53 -27.89 12.27 -12.38
N TYR A 54 -28.74 11.26 -12.64
CA TYR A 54 -29.93 11.41 -13.48
C TYR A 54 -30.94 12.37 -12.87
N ASN A 55 -31.27 12.14 -11.59
CA ASN A 55 -32.29 12.93 -10.89
C ASN A 55 -31.78 13.72 -9.68
N ASP A 56 -30.46 13.74 -9.49
CA ASP A 56 -29.77 14.39 -8.37
C ASP A 56 -30.09 13.80 -7.00
N GLY A 57 -30.63 12.59 -6.95
CA GLY A 57 -30.96 11.94 -5.69
C GLY A 57 -29.76 11.22 -5.11
N SER A 58 -29.53 11.40 -3.82
CA SER A 58 -28.49 10.63 -3.13
C SER A 58 -29.07 9.83 -1.97
N LYS A 59 -28.47 8.66 -1.74
CA LYS A 59 -28.86 7.75 -0.67
C LYS A 59 -27.66 7.58 0.25
N TYR A 60 -27.90 7.52 1.54
CA TYR A 60 -26.83 7.48 2.54
C TYR A 60 -26.93 6.28 3.46
N ASN A 61 -25.75 5.74 3.79
CA ASN A 61 -25.59 4.95 5.01
C ASN A 61 -26.08 5.83 6.15
N GLU A 62 -27.01 5.36 6.96
CA GLU A 62 -27.54 6.15 8.10
C GLU A 62 -26.45 6.72 8.99
N LYS A 63 -25.36 5.96 9.14
CA LYS A 63 -24.19 6.39 9.88
C LYS A 63 -23.61 7.68 9.33
N PHE A 64 -23.69 7.86 8.02
CA PHE A 64 -23.06 9.00 7.35
C PHE A 64 -24.03 10.10 6.89
N LYS A 65 -25.34 9.98 7.13
CA LYS A 65 -26.29 10.94 6.52
C LYS A 65 -26.16 12.38 7.06
N GLY A 66 -25.61 12.55 8.26
CA GLY A 66 -25.26 13.83 8.82
C GLY A 66 -23.96 14.34 8.25
N LYS A 67 -22.93 13.49 8.24
CA LYS A 67 -21.57 13.91 7.89
C LYS A 67 -21.35 14.12 6.38
N ALA A 68 -21.97 13.28 5.57
CA ALA A 68 -21.73 13.24 4.13
C ALA A 68 -22.81 13.96 3.35
N THR A 69 -22.38 14.62 2.28
CA THR A 69 -23.28 15.20 1.30
C THR A 69 -22.68 14.90 -0.06
N LEU A 70 -23.42 14.14 -0.87
CA LEU A 70 -23.01 13.77 -2.23
C LEU A 70 -23.80 14.62 -3.21
N THR A 71 -23.07 15.19 -4.16
CA THR A 71 -23.62 16.07 -5.18
C THR A 71 -23.03 15.65 -6.51
N SER A 72 -23.57 16.19 -7.59
CA SER A 72 -22.95 16.07 -8.91
C SER A 72 -23.22 17.30 -9.76
N ASP A 73 -22.32 17.54 -10.70
CA ASP A 73 -22.45 18.64 -11.63
C ASP A 73 -22.53 18.05 -13.03
N LYS A 74 -23.74 18.06 -13.59
CA LYS A 74 -24.00 17.59 -14.94
C LYS A 74 -23.14 18.31 -16.00
N SER A 75 -22.92 19.62 -15.82
CA SER A 75 -22.07 20.43 -16.71
C SER A 75 -20.65 19.90 -16.90
N SER A 76 -20.08 19.31 -15.85
CA SER A 76 -18.70 18.81 -15.89
C SER A 76 -18.56 17.28 -15.73
N SER A 77 -19.68 16.56 -15.74
CA SER A 77 -19.71 15.11 -15.47
C SER A 77 -18.86 14.75 -14.23
N THR A 78 -19.12 15.45 -13.14
CA THR A 78 -18.31 15.29 -11.93
C THR A 78 -19.22 15.09 -10.73
N ALA A 79 -18.94 14.04 -9.97
CA ALA A 79 -19.58 13.77 -8.69
C ALA A 79 -18.66 14.28 -7.59
N TYR A 80 -19.24 14.72 -6.47
CA TYR A 80 -18.47 15.22 -5.34
C TYR A 80 -18.97 14.65 -4.04
N MET A 81 -18.07 14.50 -3.08
CA MET A 81 -18.44 14.13 -1.72
C MET A 81 -17.85 15.15 -0.78
N GLU A 82 -18.71 15.68 0.07
CA GLU A 82 -18.33 16.59 1.13
C GLU A 82 -18.43 15.78 2.41
N LEU A 83 -17.40 15.84 3.25
CA LEU A 83 -17.45 15.25 4.60
C LEU A 83 -17.21 16.34 5.61
N SER A 84 -18.13 16.52 6.54
CA SER A 84 -18.12 17.67 7.46
C SER A 84 -17.74 17.26 8.89
N SER A 85 -17.29 18.25 9.66
CA SER A 85 -16.89 18.09 11.07
C SER A 85 -15.95 16.90 11.30
N LEU A 86 -14.83 16.94 10.59
CA LEU A 86 -13.89 15.81 10.52
C LEU A 86 -13.09 15.62 11.78
N ALA A 87 -12.73 14.37 12.02
CA ALA A 87 -11.89 13.96 13.12
C ALA A 87 -10.86 12.96 12.60
N SER A 88 -9.92 12.58 13.46
N SER A 88 -9.92 12.58 13.48
CA SER A 88 -8.80 11.73 13.03
CA SER A 88 -8.81 11.71 13.09
C SER A 88 -9.27 10.41 12.39
C SER A 88 -9.28 10.43 12.40
N GLU A 89 -10.39 9.88 12.87
CA GLU A 89 -10.93 8.62 12.35
C GLU A 89 -11.63 8.72 10.99
N ASP A 90 -11.75 9.93 10.43
CA ASP A 90 -12.14 10.11 9.03
C ASP A 90 -10.94 9.96 8.07
N SER A 91 -9.73 9.80 8.61
CA SER A 91 -8.55 9.55 7.77
C SER A 91 -8.66 8.19 7.12
N ALA A 92 -8.55 8.17 5.78
CA ALA A 92 -8.78 6.96 5.01
C ALA A 92 -8.53 7.23 3.54
N VAL A 93 -8.54 6.16 2.75
CA VAL A 93 -8.62 6.29 1.29
C VAL A 93 -10.10 6.21 0.92
N TYR A 94 -10.56 7.15 0.11
CA TYR A 94 -11.97 7.17 -0.33
C TYR A 94 -12.05 6.88 -1.83
N TYR A 95 -12.95 5.99 -2.22
CA TYR A 95 -13.13 5.61 -3.64
C TYR A 95 -14.48 6.08 -4.15
N CYS A 96 -14.52 6.50 -5.40
CA CYS A 96 -15.76 6.52 -6.18
C CYS A 96 -15.74 5.32 -7.12
N THR A 97 -16.92 4.77 -7.37
CA THR A 97 -17.04 3.60 -8.23
C THR A 97 -18.41 3.56 -8.91
N ARG A 98 -18.46 3.02 -10.13
CA ARG A 98 -19.69 3.00 -10.92
C ARG A 98 -20.57 1.79 -10.64
N ASN A 99 -21.86 2.04 -10.45
CA ASN A 99 -22.86 0.98 -10.26
C ASN A 99 -23.13 0.37 -11.62
N TYR A 100 -22.95 -0.93 -11.75
CA TYR A 100 -23.22 -1.67 -12.98
C TYR A 100 -24.39 -2.62 -12.74
N GLY A 101 -24.58 -3.59 -13.64
CA GLY A 101 -25.60 -4.62 -13.55
C GLY A 101 -25.60 -5.32 -12.21
N SER A 102 -26.81 -5.45 -11.66
CA SER A 102 -27.05 -6.04 -10.36
C SER A 102 -26.25 -5.38 -9.24
N ASP A 103 -25.94 -4.11 -9.46
CA ASP A 103 -25.29 -3.24 -8.50
C ASP A 103 -23.91 -3.74 -8.07
N SER A 104 -23.19 -4.32 -9.03
CA SER A 104 -21.76 -4.60 -8.92
C SER A 104 -21.03 -3.31 -9.25
N LEU A 105 -19.78 -3.21 -8.81
CA LEU A 105 -19.02 -1.97 -8.92
C LEU A 105 -17.91 -2.20 -9.94
N ASP A 106 -18.11 -1.73 -11.18
CA ASP A 106 -17.26 -2.20 -12.29
C ASP A 106 -16.04 -1.32 -12.50
N TYR A 107 -16.22 -0.02 -12.68
CA TYR A 107 -15.08 0.91 -12.79
C TYR A 107 -14.90 1.66 -11.48
N TRP A 108 -13.64 1.86 -11.10
CA TRP A 108 -13.26 2.48 -9.85
C TRP A 108 -12.32 3.64 -10.11
N GLY A 109 -12.50 4.72 -9.36
CA GLY A 109 -11.45 5.73 -9.26
C GLY A 109 -10.19 5.19 -8.58
N GLN A 110 -9.09 5.93 -8.72
CA GLN A 110 -7.80 5.56 -8.11
C GLN A 110 -7.72 5.74 -6.58
N GLY A 111 -8.73 6.35 -5.97
CA GLY A 111 -8.68 6.64 -4.55
C GLY A 111 -8.17 8.06 -4.26
N THR A 112 -8.72 8.68 -3.23
CA THR A 112 -8.25 9.96 -2.68
C THR A 112 -7.82 9.67 -1.24
N THR A 113 -6.58 9.97 -0.89
CA THR A 113 -6.10 9.75 0.48
C THR A 113 -6.37 11.00 1.30
N LEU A 114 -7.30 10.89 2.24
CA LEU A 114 -7.60 11.98 3.17
C LEU A 114 -6.94 11.73 4.54
N THR A 115 -6.18 12.70 4.99
CA THR A 115 -5.62 12.69 6.32
C THR A 115 -6.25 13.86 7.08
N VAL A 116 -6.80 13.55 8.25
CA VAL A 116 -7.32 14.56 9.17
C VAL A 116 -6.37 14.62 10.37
N SER A 117 -5.74 15.78 10.55
CA SER A 117 -4.67 15.90 11.54
C SER A 117 -4.35 17.36 11.82
N SER A 118 -3.92 17.63 13.05
CA SER A 118 -3.45 18.96 13.44
C SER A 118 -2.08 19.33 12.89
N ALA A 119 -1.38 18.36 12.31
CA ALA A 119 -0.01 18.59 11.85
C ALA A 119 0.02 19.37 10.54
N LYS A 120 1.21 19.85 10.21
CA LYS A 120 1.46 20.71 9.06
C LYS A 120 1.86 19.89 7.84
N THR A 121 1.39 20.30 6.67
CA THR A 121 1.89 19.76 5.40
C THR A 121 3.38 20.09 5.32
N THR A 122 4.23 19.08 5.10
CA THR A 122 5.69 19.30 5.01
C THR A 122 6.26 18.46 3.87
N PRO A 123 7.06 19.07 2.99
CA PRO A 123 7.62 18.29 1.87
C PRO A 123 8.74 17.33 2.34
N PRO A 124 9.03 16.26 1.57
CA PRO A 124 10.07 15.30 1.98
C PRO A 124 11.49 15.81 1.84
N SER A 125 12.37 15.36 2.71
CA SER A 125 13.81 15.39 2.46
C SER A 125 14.19 14.03 1.93
N VAL A 126 14.95 13.99 0.84
CA VAL A 126 15.29 12.74 0.19
C VAL A 126 16.80 12.61 0.24
N TYR A 127 17.27 11.45 0.69
CA TYR A 127 18.69 11.22 0.91
C TYR A 127 19.15 10.00 0.12
N PRO A 128 20.32 10.10 -0.54
CA PRO A 128 20.84 8.93 -1.26
C PRO A 128 21.41 7.90 -0.32
N LEU A 129 21.19 6.62 -0.62
CA LEU A 129 21.76 5.50 0.14
C LEU A 129 22.76 4.78 -0.75
N ALA A 130 24.05 5.03 -0.50
CA ALA A 130 25.14 4.46 -1.30
C ALA A 130 26.05 3.63 -0.40
N PRO A 131 26.59 2.51 -0.91
CA PRO A 131 27.39 1.65 -0.03
C PRO A 131 28.59 2.38 0.61
N GLY A 132 28.91 1.99 1.84
CA GLY A 132 30.12 2.46 2.54
C GLY A 132 31.42 2.04 1.86
N SER A 133 32.48 2.80 2.14
CA SER A 133 33.79 2.62 1.49
C SER A 133 34.65 1.59 2.21
N ASN A 138 30.81 -7.59 -5.24
CA ASN A 138 29.82 -8.53 -5.76
C ASN A 138 29.32 -8.11 -7.16
N SER A 139 28.79 -9.08 -7.92
CA SER A 139 28.19 -8.83 -9.23
C SER A 139 26.94 -7.92 -9.20
N MET A 140 26.24 -7.89 -8.06
CA MET A 140 25.07 -7.05 -7.85
C MET A 140 25.40 -6.02 -6.79
N VAL A 141 24.80 -4.84 -6.91
CA VAL A 141 24.92 -3.82 -5.87
C VAL A 141 23.53 -3.25 -5.57
N THR A 142 23.18 -3.20 -4.29
CA THR A 142 21.96 -2.56 -3.82
C THR A 142 22.22 -1.10 -3.43
N LEU A 143 21.35 -0.22 -3.91
CA LEU A 143 21.38 1.20 -3.57
C LEU A 143 19.98 1.53 -3.08
N GLY A 144 19.77 2.74 -2.59
CA GLY A 144 18.42 3.12 -2.18
C GLY A 144 18.23 4.61 -2.03
N CYS A 145 17.04 5.03 -1.62
N CYS A 145 17.03 4.99 -1.57
CA CYS A 145 16.83 6.42 -1.18
CA CYS A 145 16.73 6.38 -1.20
C CYS A 145 15.91 6.41 0.03
C CYS A 145 15.91 6.37 0.07
N LEU A 146 16.21 7.31 0.95
CA LEU A 146 15.49 7.45 2.23
C LEU A 146 14.67 8.72 2.11
N VAL A 147 13.36 8.59 2.31
CA VAL A 147 12.41 9.71 2.13
C VAL A 147 11.84 10.06 3.50
N LYS A 148 12.35 11.14 4.08
CA LYS A 148 12.07 11.49 5.49
C LYS A 148 11.39 12.84 5.64
N GLY A 149 10.58 12.94 6.68
CA GLY A 149 10.14 14.22 7.18
C GLY A 149 8.98 14.85 6.43
N TYR A 150 8.13 14.02 5.84
CA TYR A 150 7.02 14.54 5.05
C TYR A 150 5.68 14.25 5.72
N PHE A 151 4.69 15.04 5.31
CA PHE A 151 3.32 14.87 5.79
C PHE A 151 2.37 15.63 4.87
N PRO A 152 1.20 15.09 4.51
CA PRO A 152 0.75 13.71 4.76
C PRO A 152 1.17 12.71 3.67
N GLU A 153 0.66 11.50 3.76
CA GLU A 153 0.73 10.52 2.67
C GLU A 153 -0.14 10.96 1.49
N PRO A 154 0.11 10.48 0.26
CA PRO A 154 1.20 9.56 -0.09
C PRO A 154 2.44 10.25 -0.66
N VAL A 155 3.52 9.49 -0.80
CA VAL A 155 4.57 9.83 -1.80
C VAL A 155 4.64 8.69 -2.82
N THR A 156 5.19 9.00 -3.98
CA THR A 156 5.47 7.97 -4.99
C THR A 156 6.97 7.98 -5.22
N VAL A 157 7.54 6.81 -5.44
CA VAL A 157 8.96 6.68 -5.81
C VAL A 157 9.08 5.92 -7.12
N THR A 158 9.81 6.51 -8.08
CA THR A 158 10.16 5.86 -9.33
CA THR A 158 10.18 5.82 -9.32
C THR A 158 11.67 5.93 -9.54
N TRP A 159 12.25 4.85 -10.04
CA TRP A 159 13.68 4.75 -10.26
C TRP A 159 13.99 4.86 -11.73
N ASN A 160 15.10 5.52 -12.03
CA ASN A 160 15.86 5.36 -13.25
C ASN A 160 17.06 4.46 -12.90
N SER A 161 17.02 3.18 -13.28
CA SER A 161 18.12 2.25 -13.00
C SER A 161 18.10 1.02 -13.90
N GLY A 162 19.16 0.21 -13.79
CA GLY A 162 19.26 -1.09 -14.46
C GLY A 162 18.81 -2.28 -13.59
N SER A 163 17.79 -2.07 -12.74
CA SER A 163 17.36 -3.07 -11.74
C SER A 163 16.99 -4.43 -12.36
N LEU A 164 17.24 -5.49 -11.59
CA LEU A 164 17.02 -6.88 -12.03
C LEU A 164 15.61 -7.35 -11.63
N SER A 165 15.29 -8.61 -11.97
CA SER A 165 13.98 -9.19 -11.59
C SER A 165 13.82 -9.17 -10.06
N SER A 166 12.67 -8.67 -9.62
CA SER A 166 12.36 -8.51 -8.18
C SER A 166 13.40 -7.64 -7.46
N GLY A 167 13.95 -6.66 -8.20
CA GLY A 167 15.05 -5.83 -7.76
C GLY A 167 14.68 -4.44 -7.26
N VAL A 168 13.38 -4.11 -7.24
CA VAL A 168 12.91 -2.83 -6.72
C VAL A 168 11.90 -3.03 -5.60
N HIS A 169 12.19 -2.46 -4.43
CA HIS A 169 11.31 -2.59 -3.28
C HIS A 169 11.08 -1.20 -2.68
N THR A 170 9.83 -0.76 -2.65
CA THR A 170 9.49 0.52 -2.03
C THR A 170 8.64 0.19 -0.84
N PHE A 171 9.11 0.61 0.33
CA PHE A 171 8.52 0.14 1.58
C PHE A 171 7.37 1.09 1.98
N PRO A 172 6.24 0.54 2.50
CA PRO A 172 5.19 1.41 3.03
C PRO A 172 5.75 2.38 4.07
N ALA A 173 5.23 3.60 4.08
CA ALA A 173 5.70 4.63 4.98
C ALA A 173 5.34 4.29 6.41
N VAL A 174 6.17 4.74 7.35
CA VAL A 174 5.87 4.66 8.76
C VAL A 174 5.77 6.07 9.35
N LEU A 175 4.66 6.34 10.04
CA LEU A 175 4.44 7.60 10.74
C LEU A 175 5.17 7.65 12.07
N GLN A 176 5.81 8.78 12.37
CA GLN A 176 6.36 9.06 13.71
C GLN A 176 6.38 10.56 13.98
N SER A 177 5.67 11.00 15.01
CA SER A 177 5.68 12.41 15.42
C SER A 177 5.28 13.35 14.28
N ASP A 178 4.15 13.01 13.67
CA ASP A 178 3.56 13.80 12.57
C ASP A 178 4.40 13.88 11.28
N LEU A 179 5.37 12.98 11.13
CA LEU A 179 6.23 12.96 9.95
C LEU A 179 6.46 11.52 9.51
N TYR A 180 6.43 11.31 8.21
CA TYR A 180 6.57 9.96 7.64
C TYR A 180 8.02 9.72 7.22
N THR A 181 8.43 8.45 7.35
CA THR A 181 9.66 7.91 6.79
C THR A 181 9.31 6.78 5.84
N LEU A 182 9.87 6.84 4.64
CA LEU A 182 9.69 5.80 3.62
C LEU A 182 11.05 5.53 3.06
N SER A 183 11.25 4.31 2.56
CA SER A 183 12.50 4.01 1.86
C SER A 183 12.21 3.16 0.65
N SER A 184 13.18 3.09 -0.24
CA SER A 184 13.08 2.27 -1.43
C SER A 184 14.48 1.78 -1.82
N SER A 185 14.58 0.50 -2.16
CA SER A 185 15.85 -0.12 -2.58
C SER A 185 15.79 -0.52 -4.06
N VAL A 186 16.94 -0.45 -4.72
CA VAL A 186 17.11 -0.95 -6.06
C VAL A 186 18.42 -1.77 -6.13
N THR A 187 18.37 -2.94 -6.78
CA THR A 187 19.51 -3.83 -6.90
C THR A 187 19.88 -3.90 -8.37
N VAL A 188 21.10 -3.46 -8.69
CA VAL A 188 21.55 -3.32 -10.09
C VAL A 188 22.88 -4.06 -10.30
N PRO A 189 23.16 -4.48 -11.54
CA PRO A 189 24.46 -5.11 -11.77
C PRO A 189 25.58 -4.13 -11.47
N SER A 190 26.67 -4.62 -10.87
CA SER A 190 27.76 -3.74 -10.41
C SER A 190 28.57 -3.08 -11.55
N SER A 191 28.42 -3.62 -12.77
CA SER A 191 28.94 -2.97 -13.98
C SER A 191 28.16 -1.70 -14.38
N THR A 192 26.89 -1.62 -14.01
CA THR A 192 26.05 -0.46 -14.35
C THR A 192 26.23 0.75 -13.43
N TRP A 193 26.69 0.56 -12.19
CA TRP A 193 26.82 1.68 -11.24
C TRP A 193 28.16 1.54 -10.51
N PRO A 194 28.91 2.62 -10.28
CA PRO A 194 28.52 4.03 -10.53
C PRO A 194 28.64 4.50 -11.98
N SER A 195 28.99 3.60 -12.90
CA SER A 195 29.09 3.89 -14.34
C SER A 195 27.89 4.69 -14.88
N GLU A 196 26.72 4.07 -14.91
CA GLU A 196 25.48 4.70 -15.38
C GLU A 196 24.80 5.41 -14.21
N THR A 197 24.11 6.53 -14.50
CA THR A 197 23.44 7.34 -13.46
C THR A 197 22.19 6.62 -12.95
N VAL A 198 22.10 6.49 -11.62
CA VAL A 198 20.91 5.95 -10.98
C VAL A 198 20.31 7.11 -10.19
N THR A 199 18.98 7.28 -10.33
CA THR A 199 18.25 8.39 -9.73
C THR A 199 16.94 7.91 -9.11
N CYS A 200 16.65 8.40 -7.89
N CYS A 200 16.65 8.31 -7.87
CA CYS A 200 15.41 8.14 -7.17
CA CYS A 200 15.33 8.07 -7.32
C CYS A 200 14.51 9.38 -7.34
C CYS A 200 14.53 9.36 -7.44
N ASN A 201 13.33 9.20 -7.97
CA ASN A 201 12.40 10.31 -8.25
C ASN A 201 11.23 10.18 -7.34
N VAL A 202 11.09 11.16 -6.44
CA VAL A 202 10.06 11.17 -5.42
C VAL A 202 9.07 12.28 -5.70
N ALA A 203 7.79 11.98 -5.65
CA ALA A 203 6.73 13.01 -5.74
C ALA A 203 5.93 13.03 -4.45
N HIS A 204 5.57 14.22 -3.99
CA HIS A 204 4.69 14.39 -2.85
C HIS A 204 3.58 15.34 -3.25
N PRO A 205 2.48 14.80 -3.84
CA PRO A 205 1.43 15.67 -4.40
C PRO A 205 0.77 16.62 -3.38
N ALA A 206 0.65 16.21 -2.11
CA ALA A 206 0.01 17.08 -1.11
C ALA A 206 0.72 18.43 -0.91
N SER A 207 2.04 18.48 -1.10
CA SER A 207 2.78 19.76 -1.03
C SER A 207 3.16 20.30 -2.41
N SER A 208 2.74 19.62 -3.47
CA SER A 208 3.07 20.01 -4.83
C SER A 208 4.61 20.08 -5.04
N THR A 209 5.33 19.10 -4.48
CA THR A 209 6.78 19.00 -4.66
C THR A 209 7.22 17.67 -5.27
N LYS A 210 8.39 17.68 -5.88
CA LYS A 210 9.10 16.47 -6.31
C LYS A 210 10.58 16.60 -5.92
N VAL A 211 11.28 15.47 -5.99
CA VAL A 211 12.74 15.42 -5.76
C VAL A 211 13.37 14.39 -6.72
N ASP A 212 14.40 14.81 -7.44
CA ASP A 212 15.15 13.92 -8.33
C ASP A 212 16.56 13.72 -7.73
N LYS A 213 16.73 12.66 -6.94
CA LYS A 213 17.99 12.46 -6.17
C LYS A 213 18.90 11.45 -6.85
N LYS A 214 20.08 11.89 -7.27
CA LYS A 214 21.07 11.00 -7.91
C LYS A 214 21.83 10.22 -6.83
N ILE A 215 22.06 8.92 -7.05
CA ILE A 215 22.80 8.10 -6.08
C ILE A 215 24.27 8.18 -6.44
N VAL A 216 25.02 8.99 -5.69
CA VAL A 216 26.42 9.23 -5.97
C VAL A 216 27.27 8.32 -5.07
N PRO A 217 28.37 7.73 -5.60
CA PRO A 217 29.23 6.97 -4.70
C PRO A 217 29.90 7.86 -3.66
N ARG A 218 30.10 7.31 -2.46
CA ARG A 218 30.75 8.02 -1.36
C ARG A 218 32.24 8.16 -1.62
N ASP A 219 32.80 9.33 -1.32
CA ASP A 219 34.16 9.70 -1.72
C ASP A 219 35.18 9.54 -0.57
N ILE B 2 -25.84 -5.49 6.97
CA ILE B 2 -25.72 -6.98 7.00
C ILE B 2 -24.23 -7.34 7.10
N VAL B 3 -23.87 -7.99 8.19
CA VAL B 3 -22.50 -8.41 8.45
C VAL B 3 -22.14 -9.59 7.55
N LEU B 4 -20.98 -9.49 6.91
CA LEU B 4 -20.40 -10.56 6.11
C LEU B 4 -19.08 -10.98 6.76
N THR B 5 -18.96 -12.26 7.08
CA THR B 5 -17.78 -12.78 7.73
C THR B 5 -17.07 -13.66 6.72
N GLN B 6 -15.83 -13.31 6.44
CA GLN B 6 -15.00 -14.05 5.51
C GLN B 6 -14.06 -14.97 6.25
N THR B 7 -13.93 -16.20 5.77
CA THR B 7 -12.99 -17.14 6.36
C THR B 7 -12.28 -17.98 5.29
N PRO B 8 -11.00 -18.30 5.49
CA PRO B 8 -10.19 -17.80 6.61
C PRO B 8 -9.80 -16.35 6.36
N ALA B 9 -9.37 -15.64 7.41
CA ALA B 9 -8.92 -14.27 7.28
C ALA B 9 -7.60 -14.22 6.52
N ILE B 10 -6.72 -15.17 6.80
CA ILE B 10 -5.42 -15.27 6.15
C ILE B 10 -5.19 -16.74 5.80
N MET B 11 -4.66 -17.01 4.62
CA MET B 11 -4.25 -18.36 4.22
CA MET B 11 -4.28 -18.37 4.20
C MET B 11 -3.16 -18.29 3.14
N SER B 12 -2.41 -19.39 3.02
CA SER B 12 -1.35 -19.54 2.01
C SER B 12 -1.59 -20.80 1.20
N ALA B 13 -1.18 -20.78 -0.07
CA ALA B 13 -1.28 -21.95 -0.95
C ALA B 13 -0.04 -22.01 -1.85
N SER B 14 0.49 -23.21 -2.10
CA SER B 14 1.52 -23.39 -3.12
C SER B 14 0.91 -23.33 -4.48
N LEU B 15 1.75 -23.06 -5.49
CA LEU B 15 1.33 -23.06 -6.88
C LEU B 15 0.68 -24.39 -7.29
N GLY B 16 -0.42 -24.28 -8.04
CA GLY B 16 -1.16 -25.44 -8.51
C GLY B 16 -2.19 -26.04 -7.56
N GLU B 17 -2.20 -25.59 -6.31
CA GLU B 17 -3.13 -26.10 -5.31
C GLU B 17 -4.49 -25.44 -5.45
N ARG B 18 -5.53 -26.19 -5.08
CA ARG B 18 -6.90 -25.70 -5.07
C ARG B 18 -7.11 -24.84 -3.83
N VAL B 19 -7.77 -23.69 -3.99
CA VAL B 19 -8.05 -22.74 -2.89
C VAL B 19 -9.56 -22.45 -2.87
N THR B 20 -10.19 -22.55 -1.70
CA THR B 20 -11.60 -22.14 -1.49
C THR B 20 -11.68 -21.24 -0.27
N MET B 21 -12.38 -20.13 -0.45
CA MET B 21 -12.61 -19.17 0.63
C MET B 21 -14.10 -18.91 0.69
N THR B 22 -14.59 -18.62 1.88
CA THR B 22 -16.01 -18.53 2.14
C THR B 22 -16.37 -17.17 2.70
N CYS B 23 -17.64 -16.79 2.51
CA CYS B 23 -18.19 -15.56 3.03
C CYS B 23 -19.55 -15.97 3.53
N THR B 24 -19.80 -15.69 4.81
CA THR B 24 -21.03 -16.07 5.47
C THR B 24 -21.76 -14.79 5.90
N ALA B 25 -23.01 -14.64 5.46
CA ALA B 25 -23.81 -13.45 5.79
C ALA B 25 -24.69 -13.72 7.02
N ASN B 26 -24.90 -12.69 7.84
CA ASN B 26 -25.78 -12.81 9.01
C ASN B 26 -27.27 -12.83 8.64
N SER B 27 -27.59 -12.53 7.38
CA SER B 27 -28.96 -12.58 6.90
C SER B 27 -28.94 -13.14 5.48
N SER B 28 -30.08 -13.66 5.01
CA SER B 28 -30.10 -14.17 3.64
C SER B 28 -29.99 -13.02 2.64
N VAL B 29 -29.22 -13.26 1.58
CA VAL B 29 -29.02 -12.29 0.49
C VAL B 29 -29.20 -13.00 -0.86
N SER B 30 -29.88 -12.34 -1.78
CA SER B 30 -30.12 -12.86 -3.13
C SER B 30 -28.79 -13.04 -3.83
N SER B 31 -28.64 -14.20 -4.47
CA SER B 31 -27.45 -14.53 -5.25
C SER B 31 -27.21 -13.58 -6.43
N ASN B 32 -28.27 -12.94 -6.96
CA ASN B 32 -28.09 -11.96 -8.04
CA ASN B 32 -28.08 -11.94 -8.04
C ASN B 32 -27.34 -10.70 -7.57
N TYR B 33 -27.38 -10.40 -6.27
CA TYR B 33 -26.73 -9.21 -5.71
C TYR B 33 -25.61 -9.55 -4.74
N PHE B 34 -24.83 -10.58 -5.08
CA PHE B 34 -23.66 -10.98 -4.34
C PHE B 34 -22.47 -11.00 -5.28
N HIS B 35 -21.41 -10.26 -4.91
CA HIS B 35 -20.26 -10.02 -5.76
C HIS B 35 -18.97 -10.21 -4.99
N TRP B 36 -17.88 -10.46 -5.72
CA TRP B 36 -16.53 -10.53 -5.17
C TRP B 36 -15.56 -9.54 -5.85
N TYR B 37 -14.60 -9.03 -5.07
CA TYR B 37 -13.56 -8.11 -5.54
C TYR B 37 -12.20 -8.63 -5.13
N GLN B 38 -11.20 -8.29 -5.93
CA GLN B 38 -9.81 -8.54 -5.62
C GLN B 38 -9.12 -7.21 -5.44
N GLN B 39 -8.28 -7.10 -4.42
CA GLN B 39 -7.48 -5.90 -4.20
C GLN B 39 -6.03 -6.26 -3.87
N LYS B 40 -5.10 -5.64 -4.58
CA LYS B 40 -3.68 -5.73 -4.30
C LYS B 40 -3.21 -4.47 -3.58
N PRO B 41 -2.14 -4.58 -2.76
CA PRO B 41 -1.63 -3.45 -1.96
C PRO B 41 -1.40 -2.21 -2.81
N GLY B 42 -1.91 -1.07 -2.36
CA GLY B 42 -1.70 0.21 -3.05
C GLY B 42 -2.57 0.46 -4.28
N SER B 43 -3.53 -0.43 -4.57
CA SER B 43 -4.35 -0.33 -5.78
C SER B 43 -5.82 -0.35 -5.42
N SER B 44 -6.67 0.11 -6.32
CA SER B 44 -8.11 0.05 -6.13
C SER B 44 -8.63 -1.38 -6.22
N PRO B 45 -9.76 -1.68 -5.57
CA PRO B 45 -10.41 -2.96 -5.82
C PRO B 45 -10.81 -3.17 -7.28
N LYS B 46 -10.88 -4.43 -7.70
CA LYS B 46 -11.31 -4.80 -9.05
C LYS B 46 -12.48 -5.74 -8.93
N LEU B 47 -13.53 -5.50 -9.72
CA LEU B 47 -14.64 -6.43 -9.78
C LEU B 47 -14.12 -7.76 -10.30
N TRP B 48 -14.41 -8.82 -9.56
CA TRP B 48 -13.85 -10.13 -9.84
C TRP B 48 -14.93 -11.10 -10.27
N ILE B 49 -15.98 -11.22 -9.44
CA ILE B 49 -17.14 -12.07 -9.73
C ILE B 49 -18.43 -11.27 -9.47
N TYR B 50 -19.38 -11.32 -10.41
CA TYR B 50 -20.64 -10.62 -10.22
C TYR B 50 -21.79 -11.61 -10.25
N SER B 51 -22.84 -11.30 -9.53
CA SER B 51 -23.99 -12.17 -9.31
C SER B 51 -23.59 -13.61 -9.02
N THR B 52 -22.79 -13.77 -7.97
CA THR B 52 -22.38 -15.07 -7.40
C THR B 52 -21.37 -15.89 -8.21
N SER B 53 -21.60 -16.05 -9.51
CA SER B 53 -20.83 -17.00 -10.32
C SER B 53 -20.38 -16.50 -11.70
N ASN B 54 -20.60 -15.23 -12.05
CA ASN B 54 -20.21 -14.74 -13.37
C ASN B 54 -18.88 -14.01 -13.25
N LEU B 55 -17.89 -14.40 -14.05
CA LEU B 55 -16.56 -13.80 -14.00
C LEU B 55 -16.59 -12.46 -14.70
N ALA B 56 -15.99 -11.43 -14.10
CA ALA B 56 -15.82 -10.15 -14.75
C ALA B 56 -14.85 -10.27 -15.93
N SER B 57 -14.95 -9.29 -16.83
CA SER B 57 -14.05 -9.16 -17.97
C SER B 57 -12.58 -9.29 -17.55
N GLY B 58 -11.84 -10.22 -18.16
CA GLY B 58 -10.41 -10.36 -17.91
C GLY B 58 -10.03 -11.27 -16.76
N VAL B 59 -11.01 -11.75 -15.99
CA VAL B 59 -10.70 -12.58 -14.83
C VAL B 59 -10.39 -14.01 -15.31
N PRO B 60 -9.22 -14.54 -14.91
CA PRO B 60 -8.85 -15.91 -15.35
C PRO B 60 -9.92 -16.98 -15.02
N THR B 61 -10.06 -17.96 -15.91
CA THR B 61 -11.09 -19.00 -15.79
C THR B 61 -10.86 -19.99 -14.63
N ARG B 62 -9.66 -20.01 -14.05
CA ARG B 62 -9.42 -20.83 -12.85
C ARG B 62 -10.25 -20.40 -11.61
N PHE B 63 -10.81 -19.18 -11.65
CA PHE B 63 -11.73 -18.71 -10.62
C PHE B 63 -13.16 -19.12 -10.89
N SER B 64 -13.87 -19.41 -9.81
CA SER B 64 -15.31 -19.60 -9.87
C SER B 64 -15.93 -19.16 -8.56
N GLY B 65 -17.24 -19.00 -8.57
CA GLY B 65 -17.99 -18.62 -7.39
C GLY B 65 -19.28 -19.40 -7.33
N SER B 66 -19.74 -19.65 -6.10
N SER B 66 -19.76 -19.61 -6.12
CA SER B 66 -20.95 -20.44 -5.84
CA SER B 66 -21.00 -20.33 -5.90
C SER B 66 -21.62 -19.89 -4.59
C SER B 66 -21.63 -19.87 -4.59
N GLY B 67 -22.88 -20.26 -4.39
CA GLY B 67 -23.60 -19.91 -3.16
C GLY B 67 -25.02 -19.47 -3.36
N SER B 68 -25.70 -19.31 -2.23
CA SER B 68 -27.07 -18.83 -2.11
C SER B 68 -27.39 -18.65 -0.63
N GLY B 69 -28.52 -18.04 -0.33
CA GLY B 69 -28.92 -17.82 1.05
C GLY B 69 -27.92 -16.96 1.81
N THR B 70 -27.18 -17.59 2.73
CA THR B 70 -26.17 -16.91 3.54
C THR B 70 -24.73 -17.35 3.29
N SER B 71 -24.49 -18.37 2.48
CA SER B 71 -23.13 -18.91 2.34
C SER B 71 -22.68 -18.89 0.90
N TYR B 72 -21.53 -18.26 0.69
CA TYR B 72 -21.00 -18.04 -0.62
C TYR B 72 -19.55 -18.42 -0.59
N SER B 73 -19.02 -18.80 -1.73
CA SER B 73 -17.62 -19.20 -1.80
C SER B 73 -17.00 -18.75 -3.10
N LEU B 74 -15.70 -18.44 -3.05
CA LEU B 74 -14.88 -18.21 -4.23
C LEU B 74 -13.82 -19.33 -4.25
N THR B 75 -13.75 -20.04 -5.38
CA THR B 75 -12.83 -21.13 -5.56
C THR B 75 -11.85 -20.80 -6.68
N LEU B 76 -10.61 -21.17 -6.45
CA LEU B 76 -9.52 -21.00 -7.40
C LEU B 76 -8.99 -22.42 -7.63
N SER B 77 -9.12 -22.92 -8.85
CA SER B 77 -8.79 -24.32 -9.14
C SER B 77 -7.28 -24.63 -9.04
N SER B 78 -6.47 -23.63 -9.33
CA SER B 78 -5.03 -23.82 -9.40
C SER B 78 -4.37 -22.50 -8.98
N MET B 79 -3.78 -22.45 -7.78
CA MET B 79 -3.15 -21.24 -7.26
C MET B 79 -2.01 -20.83 -8.17
N GLU B 80 -2.02 -19.56 -8.57
CA GLU B 80 -0.99 -18.95 -9.43
CA GLU B 80 -0.91 -19.01 -9.35
C GLU B 80 -0.42 -17.73 -8.70
N ALA B 81 0.80 -17.33 -9.05
CA ALA B 81 1.47 -16.22 -8.35
C ALA B 81 0.70 -14.90 -8.36
N GLU B 82 0.03 -14.56 -9.46
CA GLU B 82 -0.73 -13.30 -9.61
CA GLU B 82 -0.70 -13.28 -9.55
C GLU B 82 -2.05 -13.31 -8.81
N ASP B 83 -2.41 -14.45 -8.24
CA ASP B 83 -3.61 -14.59 -7.41
C ASP B 83 -3.44 -14.15 -5.94
N ALA B 84 -2.20 -13.94 -5.48
CA ALA B 84 -1.94 -13.44 -4.13
C ALA B 84 -2.50 -12.03 -4.01
N ALA B 85 -3.45 -11.86 -3.10
CA ALA B 85 -4.22 -10.64 -3.00
C ALA B 85 -5.22 -10.82 -1.87
N THR B 86 -5.95 -9.73 -1.59
CA THR B 86 -7.07 -9.78 -0.68
C THR B 86 -8.33 -9.85 -1.52
N TYR B 87 -9.24 -10.72 -1.11
CA TYR B 87 -10.51 -10.91 -1.78
C TYR B 87 -11.62 -10.48 -0.82
N TYR B 88 -12.57 -9.70 -1.33
CA TYR B 88 -13.69 -9.19 -0.55
C TYR B 88 -15.00 -9.65 -1.16
N CYS B 89 -15.92 -10.10 -0.33
CA CYS B 89 -17.31 -10.29 -0.76
C CYS B 89 -18.13 -9.02 -0.56
N HIS B 90 -19.28 -8.95 -1.24
CA HIS B 90 -20.16 -7.77 -1.29
C HIS B 90 -21.60 -8.21 -1.47
N GLN B 91 -22.48 -7.72 -0.60
CA GLN B 91 -23.93 -7.91 -0.77
C GLN B 91 -24.58 -6.57 -1.02
N TYR B 92 -25.51 -6.55 -1.98
CA TYR B 92 -26.38 -5.42 -2.19
C TYR B 92 -27.85 -5.87 -2.20
N HIS B 93 -28.16 -6.81 -1.31
CA HIS B 93 -29.52 -7.25 -1.11
C HIS B 93 -30.34 -6.11 -0.48
N ARG B 94 -29.70 -5.37 0.42
CA ARG B 94 -30.33 -4.24 1.09
C ARG B 94 -29.35 -3.10 1.22
N SER B 95 -29.91 -1.90 1.40
CA SER B 95 -29.13 -0.71 1.69
C SER B 95 -28.95 -0.58 3.20
N PRO B 96 -27.75 -0.27 3.71
CA PRO B 96 -26.56 0.00 2.94
C PRO B 96 -25.89 -1.30 2.45
N PRO B 97 -25.31 -1.29 1.24
CA PRO B 97 -24.49 -2.45 0.86
C PRO B 97 -23.29 -2.59 1.81
N THR B 98 -22.84 -3.83 2.00
CA THR B 98 -21.75 -4.15 2.91
C THR B 98 -20.78 -5.10 2.26
N PHE B 99 -19.56 -5.12 2.81
CA PHE B 99 -18.44 -5.86 2.29
C PHE B 99 -17.83 -6.69 3.42
N GLY B 100 -17.14 -7.78 3.05
CA GLY B 100 -16.46 -8.62 4.03
C GLY B 100 -15.19 -7.98 4.54
N SER B 101 -14.64 -8.56 5.60
CA SER B 101 -13.37 -8.10 6.15
C SER B 101 -12.18 -8.60 5.34
N GLY B 102 -12.40 -9.55 4.44
CA GLY B 102 -11.36 -9.97 3.50
C GLY B 102 -10.76 -11.34 3.82
N THR B 103 -10.36 -12.05 2.79
CA THR B 103 -9.44 -13.16 2.91
C THR B 103 -8.17 -12.73 2.19
N LYS B 104 -7.06 -12.65 2.92
CA LYS B 104 -5.78 -12.37 2.31
C LYS B 104 -5.18 -13.71 1.92
N LEU B 105 -5.02 -13.92 0.60
CA LEU B 105 -4.46 -15.18 0.07
C LEU B 105 -3.02 -14.93 -0.27
N LYS B 106 -2.12 -15.68 0.36
CA LYS B 106 -0.68 -15.57 0.12
C LYS B 106 -0.17 -16.77 -0.65
N MET B 107 1.00 -16.61 -1.24
CA MET B 107 1.66 -17.68 -1.97
C MET B 107 2.74 -18.31 -1.08
N LYS B 108 2.63 -19.62 -0.83
CA LYS B 108 3.72 -20.41 -0.27
C LYS B 108 4.78 -20.58 -1.32
N ARG B 109 6.04 -20.53 -0.91
CA ARG B 109 7.16 -20.75 -1.79
C ARG B 109 8.33 -21.30 -0.99
N ALA B 110 9.44 -21.58 -1.66
CA ALA B 110 10.62 -22.13 -0.99
C ALA B 110 11.23 -21.08 -0.06
N ASP B 111 11.86 -21.54 1.02
CA ASP B 111 12.60 -20.68 1.93
C ASP B 111 13.68 -19.91 1.14
N ALA B 112 13.85 -18.63 1.46
CA ALA B 112 14.94 -17.83 0.88
C ALA B 112 15.54 -16.97 1.99
N ALA B 113 16.87 -16.98 2.07
CA ALA B 113 17.62 -16.16 3.03
C ALA B 113 17.58 -14.68 2.62
N PRO B 114 17.52 -13.77 3.60
CA PRO B 114 17.62 -12.33 3.24
C PRO B 114 19.00 -11.94 2.76
N THR B 115 19.05 -11.07 1.75
CA THR B 115 20.28 -10.40 1.31
C THR B 115 20.35 -9.07 2.05
N VAL B 116 21.36 -8.88 2.90
CA VAL B 116 21.43 -7.72 3.80
C VAL B 116 22.39 -6.66 3.25
N SER B 117 21.96 -5.40 3.29
CA SER B 117 22.74 -4.25 2.81
C SER B 117 22.58 -3.13 3.85
N ILE B 118 23.69 -2.51 4.26
CA ILE B 118 23.69 -1.41 5.23
C ILE B 118 24.22 -0.13 4.56
N PHE B 119 23.67 1.03 4.96
CA PHE B 119 24.01 2.34 4.37
C PHE B 119 24.19 3.38 5.46
N PRO B 120 25.32 4.13 5.43
CA PRO B 120 25.51 5.19 6.41
C PRO B 120 24.66 6.40 6.07
N PRO B 121 24.60 7.38 6.99
CA PRO B 121 23.95 8.63 6.67
C PRO B 121 24.60 9.32 5.48
N SER B 122 23.78 9.91 4.64
CA SER B 122 24.28 10.75 3.54
C SER B 122 24.93 12.01 4.11
N SER B 123 25.88 12.60 3.38
CA SER B 123 26.43 13.90 3.81
C SER B 123 25.30 14.94 3.82
N GLU B 124 24.37 14.82 2.87
CA GLU B 124 23.19 15.68 2.84
C GLU B 124 22.34 15.61 4.13
N GLN B 125 22.03 14.41 4.63
CA GLN B 125 21.27 14.33 5.89
C GLN B 125 22.04 14.92 7.08
N LEU B 126 23.35 14.72 7.10
CA LEU B 126 24.18 15.23 8.19
C LEU B 126 24.15 16.77 8.38
N THR B 127 23.81 17.51 7.32
CA THR B 127 23.63 18.98 7.44
C THR B 127 22.34 19.35 8.20
N SER B 128 21.36 18.45 8.20
CA SER B 128 20.07 18.63 8.90
C SER B 128 20.09 18.49 10.43
N GLY B 129 21.20 17.99 10.99
CA GLY B 129 21.28 17.67 12.42
C GLY B 129 20.74 16.29 12.81
N GLY B 130 20.35 15.48 11.82
CA GLY B 130 19.94 14.10 12.04
C GLY B 130 20.88 13.19 11.30
N ALA B 131 20.83 11.91 11.64
CA ALA B 131 21.63 10.90 10.97
C ALA B 131 20.87 9.57 11.01
N SER B 132 20.64 8.97 9.84
CA SER B 132 19.95 7.72 9.72
C SER B 132 20.89 6.67 9.16
N VAL B 133 20.88 5.48 9.74
CA VAL B 133 21.56 4.31 9.19
C VAL B 133 20.45 3.40 8.69
N VAL B 134 20.57 2.92 7.45
CA VAL B 134 19.51 2.13 6.82
C VAL B 134 20.02 0.74 6.56
N CYS B 135 19.16 -0.24 6.84
N CYS B 135 19.19 -0.25 6.83
CA CYS B 135 19.41 -1.64 6.56
CA CYS B 135 19.48 -1.64 6.54
C CYS B 135 18.28 -2.16 5.68
C CYS B 135 18.32 -2.22 5.72
N PHE B 136 18.62 -2.74 4.53
CA PHE B 136 17.66 -3.45 3.71
C PHE B 136 17.92 -4.94 3.88
N LEU B 137 16.83 -5.70 3.96
CA LEU B 137 16.84 -7.12 4.10
C LEU B 137 15.90 -7.63 3.01
N ASN B 138 16.49 -8.03 1.91
CA ASN B 138 15.75 -8.18 0.66
C ASN B 138 15.59 -9.64 0.23
N ASN B 139 14.37 -9.94 -0.23
CA ASN B 139 14.02 -11.17 -0.96
C ASN B 139 14.15 -12.44 -0.12
N PHE B 140 13.46 -12.46 1.00
CA PHE B 140 13.46 -13.57 1.96
C PHE B 140 12.09 -14.19 2.10
N TYR B 141 12.08 -15.44 2.59
CA TYR B 141 10.84 -16.16 2.86
C TYR B 141 11.13 -17.29 3.86
N PRO B 142 10.30 -17.53 4.88
CA PRO B 142 9.04 -16.83 5.14
C PRO B 142 9.19 -15.42 5.73
N LYS B 143 8.05 -14.78 5.97
CA LYS B 143 7.97 -13.39 6.42
C LYS B 143 8.61 -13.17 7.80
N ASP B 144 8.66 -14.21 8.62
CA ASP B 144 9.12 -14.09 10.02
C ASP B 144 10.59 -13.74 10.06
N ILE B 145 10.92 -12.60 10.63
CA ILE B 145 12.31 -12.19 10.75
C ILE B 145 12.45 -11.24 11.94
N ASN B 146 13.64 -11.27 12.55
CA ASN B 146 13.98 -10.41 13.69
CA ASN B 146 13.96 -10.41 13.69
C ASN B 146 15.22 -9.62 13.33
N VAL B 147 15.17 -8.30 13.50
CA VAL B 147 16.30 -7.43 13.23
C VAL B 147 16.76 -6.77 14.53
N LYS B 148 18.09 -6.79 14.75
CA LYS B 148 18.73 -6.15 15.90
C LYS B 148 19.74 -5.17 15.40
N TRP B 149 19.86 -4.02 16.08
CA TRP B 149 20.91 -3.04 15.79
C TRP B 149 21.92 -3.02 16.91
N LYS B 150 23.20 -3.03 16.56
CA LYS B 150 24.26 -2.91 17.54
C LYS B 150 25.08 -1.70 17.25
N ILE B 151 25.37 -0.92 18.28
CA ILE B 151 26.26 0.22 18.15
C ILE B 151 27.46 -0.06 19.03
N ASP B 152 28.65 -0.13 18.45
CA ASP B 152 29.86 -0.57 19.16
C ASP B 152 29.59 -1.73 20.11
N GLY B 153 28.87 -2.74 19.61
CA GLY B 153 28.61 -3.95 20.37
C GLY B 153 27.39 -3.99 21.25
N SER B 154 26.80 -2.85 21.58
CA SER B 154 25.60 -2.79 22.46
C SER B 154 24.34 -2.65 21.63
N GLU B 155 23.30 -3.37 22.02
CA GLU B 155 22.05 -3.29 21.30
C GLU B 155 21.48 -1.87 21.40
N ARG B 156 20.97 -1.38 20.26
CA ARG B 156 20.20 -0.13 20.20
C ARG B 156 18.77 -0.52 19.81
N GLN B 157 17.81 -0.05 20.61
CA GLN B 157 16.40 -0.27 20.37
C GLN B 157 15.57 0.98 20.03
N ASN B 158 15.99 2.14 20.52
CA ASN B 158 15.28 3.39 20.26
C ASN B 158 15.68 4.03 18.93
N GLY B 159 14.68 4.57 18.23
CA GLY B 159 14.88 5.30 16.96
C GLY B 159 14.90 4.39 15.75
N VAL B 160 14.31 3.19 15.86
CA VAL B 160 14.32 2.19 14.80
C VAL B 160 12.94 2.09 14.14
N LEU B 161 12.86 2.40 12.84
CA LEU B 161 11.63 2.24 12.04
C LEU B 161 11.75 1.09 11.04
N ASN B 162 10.86 0.12 11.18
CA ASN B 162 10.85 -1.07 10.33
C ASN B 162 9.63 -1.06 9.43
N SER B 163 9.82 -1.45 8.18
CA SER B 163 8.72 -1.59 7.24
C SER B 163 8.94 -2.78 6.33
N TRP B 164 7.85 -3.47 5.98
CA TRP B 164 7.89 -4.69 5.16
C TRP B 164 7.10 -4.46 3.90
N THR B 165 7.59 -4.95 2.76
CA THR B 165 6.75 -5.00 1.56
C THR B 165 5.84 -6.21 1.66
N ASP B 166 4.79 -6.23 0.83
CA ASP B 166 4.04 -7.47 0.66
C ASP B 166 4.77 -8.32 -0.40
N GLN B 167 4.28 -9.52 -0.68
CA GLN B 167 4.99 -10.46 -1.54
C GLN B 167 5.27 -9.87 -2.90
N ASP B 168 6.52 -9.99 -3.34
CA ASP B 168 6.95 -9.46 -4.64
C ASP B 168 6.17 -10.16 -5.75
N SER B 169 5.74 -9.39 -6.76
CA SER B 169 4.93 -9.92 -7.88
C SER B 169 5.60 -11.08 -8.63
N LYS B 170 6.93 -11.02 -8.77
CA LYS B 170 7.69 -12.00 -9.56
C LYS B 170 8.12 -13.24 -8.76
N ASP B 171 8.88 -13.03 -7.67
CA ASP B 171 9.44 -14.16 -6.89
C ASP B 171 8.72 -14.47 -5.57
N SER B 172 7.70 -13.66 -5.23
CA SER B 172 6.86 -13.87 -4.04
C SER B 172 7.56 -13.83 -2.67
N THR B 173 8.74 -13.20 -2.63
CA THR B 173 9.47 -12.99 -1.40
C THR B 173 9.03 -11.69 -0.73
N TYR B 174 9.39 -11.58 0.53
CA TYR B 174 9.22 -10.36 1.29
C TYR B 174 10.53 -9.60 1.28
N SER B 175 10.42 -8.31 1.51
CA SER B 175 11.57 -7.48 1.84
C SER B 175 11.25 -6.61 3.03
N MET B 176 12.29 -6.16 3.72
CA MET B 176 12.15 -5.32 4.91
C MET B 176 13.21 -4.23 4.92
N SER B 177 12.83 -3.06 5.41
CA SER B 177 13.73 -1.93 5.60
C SER B 177 13.74 -1.62 7.07
N SER B 178 14.94 -1.38 7.62
CA SER B 178 15.10 -0.95 9.01
C SER B 178 15.95 0.30 9.05
N THR B 179 15.38 1.37 9.57
CA THR B 179 16.08 2.65 9.62
C THR B 179 16.32 3.07 11.07
N LEU B 180 17.59 3.16 11.46
CA LEU B 180 17.99 3.72 12.77
C LEU B 180 18.26 5.21 12.62
N THR B 181 17.51 6.06 13.32
CA THR B 181 17.73 7.51 13.26
C THR B 181 18.14 8.03 14.61
N LEU B 182 19.29 8.71 14.63
CA LEU B 182 19.82 9.38 15.81
C LEU B 182 19.99 10.85 15.49
N THR B 183 20.25 11.66 16.51
CA THR B 183 20.76 13.01 16.30
C THR B 183 22.17 12.88 15.72
N LYS B 184 22.63 13.91 15.00
CA LYS B 184 24.00 13.88 14.47
C LYS B 184 25.03 13.76 15.58
N ASP B 185 24.79 14.41 16.72
CA ASP B 185 25.75 14.39 17.83
C ASP B 185 25.90 12.96 18.33
N GLU B 186 24.78 12.29 18.53
CA GLU B 186 24.79 10.92 19.03
C GLU B 186 25.45 9.99 17.99
N TYR B 187 25.08 10.14 16.72
CA TYR B 187 25.71 9.37 15.64
C TYR B 187 27.23 9.45 15.64
N GLU B 188 27.77 10.65 15.85
CA GLU B 188 29.22 10.85 15.81
C GLU B 188 29.99 10.41 17.07
N ARG B 189 29.29 9.99 18.12
CA ARG B 189 29.93 9.42 19.33
C ARG B 189 30.26 7.93 19.22
N HIS B 190 29.88 7.26 18.13
CA HIS B 190 30.10 5.82 18.00
C HIS B 190 30.84 5.49 16.70
N ASN B 191 31.49 4.33 16.68
CA ASN B 191 32.25 3.90 15.51
C ASN B 191 31.44 3.03 14.55
N SER B 192 30.88 1.94 15.05
CA SER B 192 30.34 0.91 14.17
C SER B 192 28.87 0.71 14.42
N TYR B 193 28.14 0.47 13.33
CA TYR B 193 26.70 0.26 13.34
C TYR B 193 26.46 -1.04 12.61
N THR B 194 25.79 -1.97 13.27
CA THR B 194 25.62 -3.29 12.74
C THR B 194 24.13 -3.61 12.72
N CYS B 195 23.67 -4.12 11.58
N CYS B 195 23.60 -4.05 11.59
CA CYS B 195 22.33 -4.64 11.38
CA CYS B 195 22.26 -4.62 11.56
C CYS B 195 22.42 -6.17 11.39
C CYS B 195 22.41 -6.12 11.42
N GLU B 196 21.68 -6.84 12.28
CA GLU B 196 21.75 -8.29 12.42
C GLU B 196 20.37 -8.87 12.21
N ALA B 197 20.25 -9.82 11.26
CA ALA B 197 18.98 -10.46 10.94
C ALA B 197 18.96 -11.92 11.38
N THR B 198 17.93 -12.30 12.10
CA THR B 198 17.72 -13.68 12.45
C THR B 198 16.53 -14.20 11.64
N HIS B 199 16.77 -15.28 10.91
CA HIS B 199 15.80 -15.87 9.98
C HIS B 199 15.97 -17.38 10.01
N LYS B 200 14.91 -18.11 9.74
CA LYS B 200 14.97 -19.58 9.86
C LYS B 200 15.95 -20.25 8.88
N THR B 201 16.32 -19.56 7.81
CA THR B 201 17.25 -20.12 6.83
C THR B 201 18.71 -20.22 7.28
N SER B 202 19.05 -19.67 8.44
CA SER B 202 20.42 -19.71 8.97
C SER B 202 20.38 -19.77 10.50
N THR B 203 21.16 -20.69 11.07
CA THR B 203 21.34 -20.76 12.51
C THR B 203 22.18 -19.56 13.02
N SER B 204 22.94 -18.92 12.13
CA SER B 204 23.70 -17.71 12.44
C SER B 204 23.02 -16.47 11.87
N PRO B 205 23.08 -15.33 12.58
CA PRO B 205 22.48 -14.10 12.05
C PRO B 205 23.12 -13.72 10.72
N ILE B 206 22.36 -13.11 9.82
CA ILE B 206 22.93 -12.51 8.62
C ILE B 206 23.11 -11.03 8.93
N VAL B 207 24.37 -10.57 8.89
CA VAL B 207 24.72 -9.25 9.43
C VAL B 207 25.48 -8.40 8.42
N LYS B 208 25.38 -7.09 8.56
CA LYS B 208 26.31 -6.14 7.89
C LYS B 208 26.64 -5.03 8.84
N SER B 209 27.85 -4.49 8.72
CA SER B 209 28.33 -3.41 9.54
C SER B 209 28.90 -2.30 8.71
N PHE B 210 28.80 -1.09 9.23
CA PHE B 210 29.46 0.12 8.70
CA PHE B 210 29.59 0.00 8.68
C PHE B 210 30.30 0.73 9.83
N ASN B 211 31.56 1.05 9.58
CA ASN B 211 32.41 1.72 10.54
C ASN B 211 32.70 3.12 10.02
N ARG B 212 32.58 4.11 10.89
CA ARG B 212 32.85 5.51 10.53
C ARG B 212 34.29 5.79 10.07
N ASN B 213 35.27 5.04 10.60
CA ASN B 213 36.69 5.23 10.25
C ASN B 213 37.09 4.68 8.86
N GLU B 214 36.26 3.81 8.28
CA GLU B 214 36.51 3.24 6.95
C GLU B 214 35.85 4.06 5.82
N CYS B 215 35.44 5.29 6.10
CA CYS B 215 34.63 6.07 5.17
C CYS B 215 34.67 7.56 5.51
#